data_3BW3
#
_entry.id   3BW3
#
_cell.length_a   113.465
_cell.length_b   113.465
_cell.length_c   115.585
_cell.angle_alpha   90.00
_cell.angle_beta   90.00
_cell.angle_gamma   90.00
#
_symmetry.space_group_name_H-M   'I 41 2 2'
#
loop_
_entity.id
_entity.type
_entity.pdbx_description
1 polymer '2-nitropropane dioxygenase'
2 non-polymer 'FLAVIN MONONUCLEOTIDE'
3 non-polymer nitroethane
4 non-polymer (4S)-2-METHYL-2,4-PENTANEDIOL
5 water water
#
_entity_poly.entity_id   1
_entity_poly.type   'polypeptide(L)'
_entity_poly.pdbx_seq_one_letter_code
;MSSALTDLFPLPIVQAPMAGGVSVPQLAAAVCEAGGLGFLAAGYKTADGMYQEIKRLRGLTGRPFGVNVFMPQPELAESG
AVEVYAHQLAGEAAWYETELGDPDGGRDDGYDAKLAVLLDDPVPVVSFHFGVPDREVIARLRRAGTLTLVTATTPEEARA
VEAAGADAVIAQGVEAGGDQGTHRDSSEDDGAGIGLLSLLAQVREAVDIPVVAAGGIMRGGQIAAVLAAGADAAQLGTAF
LATDESGAPGPHKRALTDPLFARTRLTRAFTGRPARSLVNRFLREHGPYAPAAYPDVHHLTSPLRKAAAKAGDAQGMALW
AGQGHRMARELPAGRLVEVLAAELAEARTALSDASRENESRKGHHHHHH
;
_entity_poly.pdbx_strand_id   A
#
loop_
_chem_comp.id
_chem_comp.type
_chem_comp.name
_chem_comp.formula
FMN non-polymer 'FLAVIN MONONUCLEOTIDE' 'C17 H21 N4 O9 P'
MPD non-polymer (4S)-2-METHYL-2,4-PENTANEDIOL 'C6 H14 O2'
NIE non-polymer nitroethane 'C2 H5 N O2'
#
# COMPACT_ATOMS: atom_id res chain seq x y z
N SER A 3 -9.98 0.97 -21.79
CA SER A 3 -9.04 1.39 -20.72
C SER A 3 -7.72 0.64 -20.85
N ALA A 4 -6.65 1.36 -21.19
CA ALA A 4 -5.33 0.77 -21.36
C ALA A 4 -4.94 -0.10 -20.17
N LEU A 5 -5.34 0.31 -18.98
CA LEU A 5 -5.01 -0.43 -17.77
C LEU A 5 -5.66 -1.82 -17.78
N THR A 6 -6.98 -1.84 -17.92
CA THR A 6 -7.73 -3.09 -17.95
C THR A 6 -7.43 -3.97 -19.16
N ASP A 7 -6.96 -3.36 -20.24
CA ASP A 7 -6.63 -4.13 -21.43
C ASP A 7 -5.39 -4.98 -21.15
N LEU A 8 -4.61 -4.57 -20.15
CA LEU A 8 -3.39 -5.28 -19.76
C LEU A 8 -3.57 -6.66 -19.15
N PHE A 9 -4.63 -6.83 -18.37
CA PHE A 9 -4.91 -8.12 -17.71
C PHE A 9 -6.40 -8.40 -17.73
N PRO A 10 -6.78 -9.69 -17.77
CA PRO A 10 -8.17 -10.17 -17.81
C PRO A 10 -9.12 -9.83 -16.67
N LEU A 11 -8.67 -9.96 -15.43
CA LEU A 11 -9.54 -9.66 -14.30
C LEU A 11 -9.26 -8.29 -13.67
N PRO A 12 -10.32 -7.58 -13.25
CA PRO A 12 -10.24 -6.25 -12.65
C PRO A 12 -9.75 -6.33 -11.21
N ILE A 13 -8.69 -7.11 -11.01
CA ILE A 13 -8.12 -7.33 -9.70
C ILE A 13 -6.66 -6.94 -9.64
N VAL A 14 -6.32 -6.07 -8.70
CA VAL A 14 -4.95 -5.62 -8.54
C VAL A 14 -4.48 -5.98 -7.14
N GLN A 15 -3.32 -6.61 -7.07
CA GLN A 15 -2.73 -6.93 -5.78
C GLN A 15 -1.94 -5.69 -5.38
N ALA A 16 -2.33 -5.08 -4.27
CA ALA A 16 -1.67 -3.87 -3.81
C ALA A 16 -0.21 -4.07 -3.47
N PRO A 17 0.64 -3.09 -3.81
CA PRO A 17 2.06 -3.25 -3.47
C PRO A 17 2.10 -3.11 -1.96
N MET A 18 2.85 -3.96 -1.29
CA MET A 18 2.94 -3.89 0.16
C MET A 18 4.39 -4.03 0.59
N ALA A 19 4.95 -2.95 1.14
CA ALA A 19 6.33 -2.92 1.57
C ALA A 19 6.51 -3.79 2.81
N GLY A 20 7.72 -3.78 3.36
CA GLY A 20 7.98 -4.58 4.55
C GLY A 20 8.21 -6.04 4.26
N GLY A 21 8.59 -6.35 3.01
CA GLY A 21 8.85 -7.72 2.62
C GLY A 21 7.62 -8.56 2.33
N VAL A 22 6.49 -7.91 2.15
CA VAL A 22 5.25 -8.62 1.86
C VAL A 22 5.11 -9.04 0.40
N SER A 23 5.29 -8.08 -0.50
CA SER A 23 5.16 -8.31 -1.93
C SER A 23 6.34 -8.96 -2.63
N VAL A 24 6.81 -10.09 -2.15
CA VAL A 24 7.93 -10.75 -2.79
C VAL A 24 7.51 -11.16 -4.21
N PRO A 25 8.48 -11.39 -5.11
CA PRO A 25 8.19 -11.78 -6.50
C PRO A 25 7.20 -12.92 -6.64
N GLN A 26 7.29 -13.89 -5.73
CA GLN A 26 6.40 -15.04 -5.75
C GLN A 26 4.92 -14.66 -5.61
N LEU A 27 4.63 -13.61 -4.85
CA LEU A 27 3.24 -13.17 -4.69
C LEU A 27 2.76 -12.53 -5.99
N ALA A 28 3.48 -11.52 -6.44
CA ALA A 28 3.15 -10.82 -7.67
C ALA A 28 2.96 -11.81 -8.81
N ALA A 29 3.88 -12.76 -8.93
CA ALA A 29 3.81 -13.76 -9.99
C ALA A 29 2.53 -14.57 -9.96
N ALA A 30 2.13 -15.03 -8.78
CA ALA A 30 0.91 -15.84 -8.65
C ALA A 30 -0.32 -15.05 -9.06
N VAL A 31 -0.38 -13.78 -8.65
CA VAL A 31 -1.51 -12.94 -9.01
C VAL A 31 -1.51 -12.79 -10.54
N CYS A 32 -0.34 -12.47 -11.10
CA CYS A 32 -0.23 -12.29 -12.54
C CYS A 32 -0.70 -13.51 -13.33
N GLU A 33 -0.22 -14.69 -12.93
CA GLU A 33 -0.58 -15.93 -13.61
C GLU A 33 -2.05 -16.29 -13.49
N ALA A 34 -2.73 -15.70 -12.51
CA ALA A 34 -4.15 -15.98 -12.32
C ALA A 34 -5.02 -14.97 -13.06
N GLY A 35 -4.38 -14.04 -13.76
CA GLY A 35 -5.14 -13.05 -14.51
C GLY A 35 -5.26 -11.68 -13.85
N GLY A 36 -4.67 -11.51 -12.67
CA GLY A 36 -4.74 -10.23 -12.00
C GLY A 36 -3.45 -9.46 -12.24
N LEU A 37 -3.31 -8.30 -11.64
CA LEU A 37 -2.11 -7.50 -11.80
C LEU A 37 -1.28 -7.52 -10.50
N GLY A 38 -0.15 -8.23 -10.54
CA GLY A 38 0.71 -8.32 -9.38
C GLY A 38 1.55 -7.08 -9.25
N PHE A 39 1.97 -6.76 -8.02
CA PHE A 39 2.79 -5.57 -7.76
C PHE A 39 4.00 -5.85 -6.89
N LEU A 40 5.07 -5.13 -7.18
CA LEU A 40 6.30 -5.20 -6.40
C LEU A 40 6.33 -3.87 -5.64
N ALA A 41 6.86 -3.89 -4.43
CA ALA A 41 6.93 -2.67 -3.62
C ALA A 41 8.39 -2.21 -3.53
N ALA A 42 8.66 -1.02 -4.02
CA ALA A 42 10.02 -0.48 -3.98
C ALA A 42 10.25 0.33 -2.69
N GLY A 43 9.19 0.54 -1.94
CA GLY A 43 9.28 1.30 -0.71
C GLY A 43 10.30 0.80 0.30
N TYR A 44 11.20 1.70 0.70
CA TYR A 44 12.27 1.43 1.67
C TYR A 44 13.40 0.55 1.16
N LYS A 45 13.32 0.13 -0.11
CA LYS A 45 14.39 -0.69 -0.69
C LYS A 45 15.35 0.24 -1.42
N THR A 46 16.51 -0.28 -1.83
CA THR A 46 17.47 0.50 -2.58
C THR A 46 17.08 0.29 -4.05
N ALA A 47 17.59 1.13 -4.94
CA ALA A 47 17.26 0.99 -6.35
C ALA A 47 17.66 -0.40 -6.83
N ASP A 48 18.81 -0.89 -6.39
CA ASP A 48 19.27 -2.22 -6.80
C ASP A 48 18.36 -3.32 -6.24
N GLY A 49 17.97 -3.19 -4.99
CA GLY A 49 17.08 -4.18 -4.38
C GLY A 49 15.82 -4.32 -5.21
N MET A 50 15.27 -3.18 -5.62
CA MET A 50 14.06 -3.16 -6.45
C MET A 50 14.33 -3.84 -7.78
N TYR A 51 15.44 -3.46 -8.41
CA TYR A 51 15.79 -4.02 -9.70
C TYR A 51 15.95 -5.54 -9.66
N GLN A 52 16.50 -6.07 -8.57
CA GLN A 52 16.68 -7.51 -8.47
C GLN A 52 15.31 -8.19 -8.42
N GLU A 53 14.35 -7.60 -7.73
CA GLU A 53 13.02 -8.20 -7.68
C GLU A 53 12.36 -8.15 -9.05
N ILE A 54 12.54 -7.03 -9.75
CA ILE A 54 11.97 -6.87 -11.08
C ILE A 54 12.50 -7.98 -11.98
N LYS A 55 13.81 -8.21 -11.95
CA LYS A 55 14.43 -9.25 -12.75
C LYS A 55 13.88 -10.62 -12.41
N ARG A 56 13.81 -10.93 -11.12
CA ARG A 56 13.31 -12.21 -10.67
C ARG A 56 11.86 -12.46 -11.09
N LEU A 57 11.01 -11.45 -10.97
CA LEU A 57 9.61 -11.58 -11.34
C LEU A 57 9.43 -11.86 -12.84
N ARG A 58 10.27 -11.23 -13.67
CA ARG A 58 10.19 -11.45 -15.11
C ARG A 58 10.51 -12.92 -15.38
N GLY A 59 11.33 -13.51 -14.51
CA GLY A 59 11.69 -14.91 -14.67
C GLY A 59 10.56 -15.82 -14.20
N LEU A 60 9.61 -15.27 -13.45
CA LEU A 60 8.49 -16.06 -12.94
C LEU A 60 7.22 -15.90 -13.77
N THR A 61 7.11 -14.81 -14.50
CA THR A 61 5.93 -14.58 -15.33
C THR A 61 6.21 -13.59 -16.45
N GLY A 62 5.50 -13.73 -17.56
CA GLY A 62 5.68 -12.84 -18.68
C GLY A 62 4.51 -11.87 -18.76
N ARG A 63 3.58 -11.99 -17.83
CA ARG A 63 2.40 -11.13 -17.81
C ARG A 63 2.69 -9.79 -17.15
N PRO A 64 1.88 -8.76 -17.44
CA PRO A 64 2.05 -7.42 -16.88
C PRO A 64 2.05 -7.37 -15.36
N PHE A 65 2.91 -6.51 -14.81
CA PHE A 65 2.99 -6.33 -13.37
C PHE A 65 3.34 -4.88 -13.07
N GLY A 66 3.15 -4.47 -11.82
CA GLY A 66 3.46 -3.09 -11.48
C GLY A 66 4.54 -2.99 -10.43
N VAL A 67 5.10 -1.80 -10.30
CA VAL A 67 6.13 -1.50 -9.31
C VAL A 67 5.68 -0.19 -8.65
N ASN A 68 5.69 -0.15 -7.33
CA ASN A 68 5.26 1.03 -6.59
C ASN A 68 6.44 1.78 -5.96
N VAL A 69 6.44 3.10 -6.08
CA VAL A 69 7.52 3.89 -5.49
C VAL A 69 6.98 5.01 -4.61
N PHE A 70 7.74 5.35 -3.57
CA PHE A 70 7.35 6.42 -2.66
C PHE A 70 7.90 7.76 -3.14
N MET A 71 7.07 8.80 -3.03
CA MET A 71 7.49 10.13 -3.44
C MET A 71 8.43 10.68 -2.37
N PRO A 72 9.43 11.48 -2.78
CA PRO A 72 10.36 12.05 -1.80
C PRO A 72 9.54 13.00 -0.92
N GLN A 73 9.93 13.13 0.34
CA GLN A 73 9.20 14.01 1.25
C GLN A 73 10.08 15.18 1.67
N PRO A 74 9.48 16.37 1.84
CA PRO A 74 10.25 17.55 2.25
C PRO A 74 10.61 17.50 3.73
N GLU A 75 11.72 18.16 4.07
CA GLU A 75 12.21 18.23 5.45
C GLU A 75 11.11 18.85 6.32
N LEU A 76 11.08 18.49 7.59
CA LEU A 76 10.08 19.03 8.50
C LEU A 76 8.66 18.67 8.05
N GLY A 80 11.54 19.29 17.08
CA GLY A 80 11.01 19.26 18.43
C GLY A 80 10.13 18.05 18.70
N ALA A 81 9.18 17.81 17.80
CA ALA A 81 8.26 16.68 17.93
C ALA A 81 8.96 15.32 17.89
N VAL A 82 9.91 15.17 16.97
CA VAL A 82 10.65 13.93 16.82
C VAL A 82 11.57 13.61 17.98
N GLU A 83 12.14 14.65 18.60
CA GLU A 83 13.03 14.46 19.73
C GLU A 83 12.23 13.93 20.92
N VAL A 84 11.03 14.48 21.09
CA VAL A 84 10.15 14.08 22.18
C VAL A 84 9.62 12.66 22.01
N TYR A 85 9.21 12.32 20.79
CA TYR A 85 8.68 10.99 20.52
C TYR A 85 9.77 9.95 20.70
N ALA A 86 10.99 10.28 20.30
CA ALA A 86 12.11 9.36 20.46
C ALA A 86 12.32 9.09 21.94
N HIS A 87 12.22 10.14 22.74
CA HIS A 87 12.39 10.01 24.19
C HIS A 87 11.33 9.08 24.77
N GLN A 88 10.11 9.23 24.29
CA GLN A 88 8.99 8.42 24.74
C GLN A 88 9.16 6.95 24.37
N LEU A 89 10.04 6.67 23.40
CA LEU A 89 10.31 5.31 22.96
C LEU A 89 11.52 4.68 23.64
N ALA A 90 12.16 5.42 24.55
CA ALA A 90 13.33 4.92 25.25
C ALA A 90 13.04 3.56 25.87
N GLY A 91 11.86 3.42 26.46
CA GLY A 91 11.48 2.17 27.10
C GLY A 91 11.37 1.02 26.11
N GLU A 92 10.88 1.31 24.90
CA GLU A 92 10.73 0.28 23.86
C GLU A 92 12.10 -0.21 23.42
N ALA A 93 13.04 0.73 23.24
CA ALA A 93 14.40 0.41 22.82
C ALA A 93 15.08 -0.48 23.87
N ALA A 94 14.94 -0.11 25.13
CA ALA A 94 15.54 -0.87 26.22
C ALA A 94 14.93 -2.28 26.27
N TRP A 95 13.61 -2.36 26.26
CA TRP A 95 12.92 -3.65 26.31
C TRP A 95 13.34 -4.58 25.19
N TYR A 96 13.36 -4.05 23.97
CA TYR A 96 13.74 -4.84 22.81
C TYR A 96 15.25 -4.91 22.66
N GLU A 97 15.96 -4.28 23.58
CA GLU A 97 17.42 -4.28 23.58
C GLU A 97 17.99 -3.90 22.22
N THR A 98 17.54 -2.78 21.69
CA THR A 98 18.00 -2.31 20.39
C THR A 98 18.11 -0.80 20.44
N GLU A 99 18.69 -0.20 19.43
CA GLU A 99 18.82 1.26 19.37
C GLU A 99 17.80 1.82 18.39
N LEU A 100 17.22 2.97 18.72
CA LEU A 100 16.26 3.58 17.81
C LEU A 100 17.01 3.92 16.54
N GLY A 101 16.30 3.99 15.42
CA GLY A 101 16.95 4.33 14.16
C GLY A 101 17.16 5.83 14.04
N ASP A 102 17.89 6.25 13.01
CA ASP A 102 18.17 7.67 12.79
C ASP A 102 16.98 8.34 12.11
N PRO A 103 16.34 9.31 12.79
CA PRO A 103 15.19 10.01 12.22
C PRO A 103 15.55 10.97 11.09
N ASP A 104 16.83 11.24 10.91
CA ASP A 104 17.26 12.15 9.86
C ASP A 104 17.92 11.48 8.67
N GLY A 105 17.50 10.25 8.38
CA GLY A 105 18.06 9.54 7.25
C GLY A 105 17.49 10.16 5.98
N GLY A 106 17.63 9.44 4.85
CA GLY A 106 17.11 9.96 3.61
C GLY A 106 15.62 10.20 3.68
N ARG A 107 15.08 10.93 2.70
CA ARG A 107 13.66 11.24 2.66
C ARG A 107 13.15 11.04 1.23
N ASP A 108 14.07 10.71 0.34
CA ASP A 108 13.78 10.51 -1.07
C ASP A 108 13.56 9.03 -1.37
N ASP A 109 14.03 8.17 -0.49
CA ASP A 109 13.88 6.74 -0.65
C ASP A 109 14.40 6.25 -2.01
N GLY A 110 15.57 6.73 -2.41
CA GLY A 110 16.17 6.34 -3.67
C GLY A 110 15.35 6.65 -4.91
N TYR A 111 14.55 7.70 -4.84
CA TYR A 111 13.68 8.10 -5.95
C TYR A 111 14.41 8.25 -7.30
N ASP A 112 15.45 9.09 -7.33
CA ASP A 112 16.22 9.34 -8.53
C ASP A 112 16.77 8.07 -9.16
N ALA A 113 17.42 7.25 -8.34
CA ALA A 113 17.99 6.00 -8.80
C ALA A 113 16.93 5.01 -9.23
N LYS A 114 15.81 4.98 -8.53
CA LYS A 114 14.74 4.06 -8.89
C LYS A 114 14.10 4.43 -10.24
N LEU A 115 13.88 5.72 -10.48
CA LEU A 115 13.29 6.15 -11.75
C LEU A 115 14.26 5.82 -12.89
N ALA A 116 15.55 5.95 -12.61
CA ALA A 116 16.58 5.66 -13.61
C ALA A 116 16.45 4.21 -14.08
N VAL A 117 16.26 3.31 -13.12
CA VAL A 117 16.10 1.89 -13.43
C VAL A 117 14.80 1.63 -14.21
N LEU A 118 13.71 2.25 -13.76
CA LEU A 118 12.40 2.08 -14.41
C LEU A 118 12.32 2.69 -15.80
N LEU A 119 13.19 3.67 -16.08
CA LEU A 119 13.20 4.32 -17.39
C LEU A 119 14.19 3.61 -18.32
N ASP A 120 15.26 3.08 -17.77
CA ASP A 120 16.26 2.37 -18.57
C ASP A 120 15.80 0.97 -18.98
N ASP A 121 14.96 0.36 -18.14
CA ASP A 121 14.45 -0.99 -18.40
C ASP A 121 12.98 -1.03 -17.96
N PRO A 122 12.11 -0.34 -18.71
CA PRO A 122 10.66 -0.21 -18.49
C PRO A 122 9.84 -1.42 -18.03
N VAL A 123 8.97 -1.18 -17.06
CA VAL A 123 8.07 -2.22 -16.56
C VAL A 123 6.68 -1.81 -17.04
N PRO A 124 5.74 -2.75 -17.08
CA PRO A 124 4.38 -2.45 -17.54
C PRO A 124 3.64 -1.34 -16.79
N VAL A 125 3.68 -1.37 -15.46
CA VAL A 125 2.98 -0.38 -14.66
C VAL A 125 3.79 0.14 -13.47
N VAL A 126 3.63 1.44 -13.18
CA VAL A 126 4.31 2.07 -12.05
C VAL A 126 3.30 2.95 -11.32
N SER A 127 3.19 2.78 -10.01
CA SER A 127 2.27 3.59 -9.21
C SER A 127 3.10 4.37 -8.21
N PHE A 128 2.58 5.51 -7.77
CA PHE A 128 3.28 6.37 -6.82
C PHE A 128 2.46 6.56 -5.56
N HIS A 129 3.12 6.66 -4.41
CA HIS A 129 2.42 6.84 -3.14
C HIS A 129 2.99 8.04 -2.41
N PHE A 130 2.16 8.68 -1.58
CA PHE A 130 2.55 9.85 -0.80
C PHE A 130 2.76 11.11 -1.64
N GLY A 131 1.97 11.25 -2.71
CA GLY A 131 2.10 12.43 -3.54
C GLY A 131 1.97 12.17 -5.03
N VAL A 132 2.28 13.20 -5.83
CA VAL A 132 2.19 13.12 -7.29
C VAL A 132 3.52 13.51 -7.94
N PRO A 133 4.00 12.71 -8.89
CA PRO A 133 5.26 12.97 -9.59
C PRO A 133 5.16 14.21 -10.48
N ASP A 134 6.30 14.82 -10.80
CA ASP A 134 6.33 15.97 -11.69
C ASP A 134 5.75 15.43 -13.00
N ARG A 135 5.05 16.28 -13.74
CA ARG A 135 4.46 15.83 -15.00
C ARG A 135 5.49 15.38 -16.02
N GLU A 136 6.75 15.76 -15.81
CA GLU A 136 7.82 15.36 -16.72
C GLU A 136 8.21 13.90 -16.43
N VAL A 137 8.05 13.47 -15.18
CA VAL A 137 8.36 12.08 -14.82
C VAL A 137 7.29 11.18 -15.46
N ILE A 138 6.04 11.60 -15.35
CA ILE A 138 4.94 10.85 -15.92
C ILE A 138 5.04 10.79 -17.46
N ALA A 139 5.37 11.92 -18.09
CA ALA A 139 5.48 11.96 -19.54
C ALA A 139 6.60 11.03 -20.03
N ARG A 140 7.73 11.05 -19.33
CA ARG A 140 8.84 10.19 -19.73
C ARG A 140 8.52 8.71 -19.57
N LEU A 141 7.82 8.35 -18.49
CA LEU A 141 7.45 6.94 -18.29
C LEU A 141 6.46 6.51 -19.37
N ARG A 142 5.57 7.43 -19.75
CA ARG A 142 4.58 7.13 -20.78
C ARG A 142 5.30 6.87 -22.10
N ARG A 143 6.26 7.70 -22.45
CA ARG A 143 7.00 7.50 -23.69
C ARG A 143 7.64 6.13 -23.70
N ALA A 144 8.15 5.71 -22.54
CA ALA A 144 8.80 4.41 -22.39
C ALA A 144 7.79 3.26 -22.51
N GLY A 145 6.51 3.60 -22.52
CA GLY A 145 5.49 2.57 -22.64
C GLY A 145 4.97 2.04 -21.32
N THR A 146 5.22 2.78 -20.24
CA THR A 146 4.77 2.38 -18.91
C THR A 146 3.49 3.11 -18.51
N LEU A 147 2.52 2.39 -17.96
CA LEU A 147 1.29 3.02 -17.52
C LEU A 147 1.54 3.53 -16.09
N THR A 148 1.03 4.72 -15.78
CA THR A 148 1.23 5.32 -14.48
C THR A 148 -0.03 5.49 -13.65
N LEU A 149 0.07 5.15 -12.37
CA LEU A 149 -1.04 5.27 -11.43
C LEU A 149 -0.57 6.05 -10.21
N VAL A 150 -1.49 6.77 -9.58
CA VAL A 150 -1.16 7.53 -8.38
C VAL A 150 -2.34 7.47 -7.42
N THR A 151 -2.05 7.31 -6.14
CA THR A 151 -3.09 7.26 -5.12
C THR A 151 -3.58 8.64 -4.72
N ALA A 152 -4.90 8.77 -4.57
CA ALA A 152 -5.54 10.01 -4.15
C ALA A 152 -6.53 9.60 -3.05
N THR A 153 -6.70 10.43 -2.03
CA THR A 153 -7.60 10.12 -0.94
C THR A 153 -8.78 11.09 -0.85
N THR A 154 -8.76 12.10 -1.70
CA THR A 154 -9.82 13.11 -1.77
C THR A 154 -10.02 13.45 -3.24
N PRO A 155 -11.17 14.04 -3.58
CA PRO A 155 -11.38 14.40 -5.00
C PRO A 155 -10.36 15.42 -5.46
N GLU A 156 -9.88 16.27 -4.55
CA GLU A 156 -8.88 17.28 -4.89
C GLU A 156 -7.56 16.61 -5.27
N GLU A 157 -7.12 15.63 -4.48
CA GLU A 157 -5.87 14.94 -4.79
C GLU A 157 -6.00 14.22 -6.13
N ALA A 158 -7.19 13.68 -6.40
CA ALA A 158 -7.43 12.99 -7.66
C ALA A 158 -7.26 13.96 -8.84
N ARG A 159 -7.76 15.18 -8.67
CA ARG A 159 -7.63 16.19 -9.73
C ARG A 159 -6.17 16.48 -10.00
N ALA A 160 -5.37 16.50 -8.94
CA ALA A 160 -3.94 16.75 -9.05
C ALA A 160 -3.29 15.59 -9.81
N VAL A 161 -3.76 14.38 -9.55
CA VAL A 161 -3.23 13.19 -10.23
C VAL A 161 -3.51 13.29 -11.72
N GLU A 162 -4.73 13.66 -12.07
CA GLU A 162 -5.11 13.80 -13.47
C GLU A 162 -4.34 14.95 -14.12
N ALA A 163 -4.27 16.09 -13.43
CA ALA A 163 -3.56 17.25 -13.94
C ALA A 163 -2.11 16.92 -14.27
N ALA A 164 -1.52 15.97 -13.54
CA ALA A 164 -0.14 15.57 -13.78
C ALA A 164 -0.06 14.69 -15.01
N GLY A 165 -1.21 14.32 -15.56
CA GLY A 165 -1.24 13.47 -16.75
C GLY A 165 -1.14 11.97 -16.53
N ALA A 166 -1.36 11.50 -15.31
CA ALA A 166 -1.27 10.06 -15.03
C ALA A 166 -2.37 9.30 -15.77
N ASP A 167 -2.11 8.03 -16.08
CA ASP A 167 -3.10 7.20 -16.80
C ASP A 167 -4.31 6.84 -15.94
N ALA A 168 -4.11 6.70 -14.64
CA ALA A 168 -5.22 6.34 -13.75
C ALA A 168 -4.94 6.75 -12.31
N VAL A 169 -6.01 6.95 -11.55
CA VAL A 169 -5.89 7.33 -10.15
C VAL A 169 -6.42 6.22 -9.26
N ILE A 170 -5.73 5.99 -8.15
CA ILE A 170 -6.15 4.98 -7.19
C ILE A 170 -6.87 5.71 -6.06
N ALA A 171 -8.17 5.49 -5.95
CA ALA A 171 -8.98 6.11 -4.90
C ALA A 171 -8.92 5.21 -3.68
N GLN A 172 -8.14 5.61 -2.69
CA GLN A 172 -7.98 4.84 -1.46
C GLN A 172 -8.83 5.42 -0.33
N GLY A 173 -9.83 4.65 0.13
CA GLY A 173 -10.69 5.11 1.20
C GLY A 173 -10.09 4.89 2.57
N VAL A 174 -10.76 5.37 3.62
CA VAL A 174 -10.23 5.22 4.97
C VAL A 174 -10.17 3.80 5.48
N GLU A 175 -10.95 2.91 4.87
CA GLU A 175 -10.97 1.52 5.30
C GLU A 175 -9.68 0.78 4.96
N ALA A 176 -8.92 1.33 4.03
CA ALA A 176 -7.68 0.73 3.57
C ALA A 176 -6.68 0.37 4.66
N GLY A 177 -5.95 -0.73 4.46
CA GLY A 177 -4.94 -1.15 5.41
C GLY A 177 -3.64 -0.47 5.05
N GLY A 178 -2.71 -0.39 5.98
CA GLY A 178 -1.43 0.23 5.68
C GLY A 178 -1.43 1.75 5.55
N ASP A 179 -0.44 2.26 4.83
CA ASP A 179 -0.25 3.69 4.65
C ASP A 179 -1.30 4.43 3.84
N GLN A 180 -1.84 5.51 4.40
CA GLN A 180 -2.79 6.33 3.66
C GLN A 180 -1.90 7.05 2.66
N GLY A 181 -2.32 7.12 1.40
CA GLY A 181 -1.50 7.77 0.40
C GLY A 181 -1.70 9.27 0.26
N THR A 182 -2.02 9.94 1.36
CA THR A 182 -2.24 11.38 1.33
C THR A 182 -0.99 12.10 0.80
N HIS A 183 -1.21 13.14 -0.01
CA HIS A 183 -0.11 13.89 -0.61
C HIS A 183 0.61 14.77 0.40
N ARG A 184 -0.13 15.29 1.37
CA ARG A 184 0.42 16.12 2.44
C ARG A 184 -0.29 15.74 3.73
N ASP A 185 0.49 15.43 4.76
CA ASP A 185 -0.08 15.04 6.04
C ASP A 185 -0.09 16.16 7.06
N SER A 186 -1.26 16.38 7.66
CA SER A 186 -1.43 17.41 8.69
C SER A 186 -2.45 16.92 9.72
N SER A 187 -2.27 17.34 10.96
CA SER A 187 -3.17 16.93 12.03
C SER A 187 -4.64 17.27 11.76
N GLU A 188 -4.90 18.12 10.77
CA GLU A 188 -6.27 18.49 10.43
C GLU A 188 -7.02 17.35 9.74
N ASP A 189 -6.32 16.61 8.89
CA ASP A 189 -6.94 15.50 8.18
C ASP A 189 -7.47 14.48 9.20
N ASP A 190 -6.95 14.53 10.41
CA ASP A 190 -7.36 13.60 11.46
C ASP A 190 -8.87 13.59 11.69
N GLY A 191 -9.49 12.43 11.47
CA GLY A 191 -10.92 12.29 11.66
C GLY A 191 -11.75 12.67 10.45
N ALA A 192 -11.08 13.09 9.38
CA ALA A 192 -11.77 13.49 8.16
C ALA A 192 -11.55 12.51 7.00
N GLY A 193 -11.31 11.23 7.28
CA GLY A 193 -11.11 10.30 6.19
C GLY A 193 -12.41 9.94 5.49
N ILE A 194 -12.35 9.77 4.17
CA ILE A 194 -13.54 9.47 3.37
C ILE A 194 -13.75 7.97 3.09
N GLY A 195 -14.97 7.50 3.32
CA GLY A 195 -15.29 6.10 3.06
C GLY A 195 -15.14 5.84 1.57
N LEU A 196 -14.61 4.66 1.20
CA LEU A 196 -14.39 4.33 -0.20
C LEU A 196 -15.58 4.51 -1.13
N LEU A 197 -16.76 4.04 -0.73
CA LEU A 197 -17.93 4.16 -1.60
C LEU A 197 -18.24 5.62 -1.92
N SER A 198 -17.98 6.50 -0.96
CA SER A 198 -18.22 7.91 -1.14
C SER A 198 -17.06 8.52 -1.95
N LEU A 199 -15.84 8.17 -1.58
CA LEU A 199 -14.67 8.68 -2.29
C LEU A 199 -14.69 8.30 -3.76
N LEU A 200 -15.05 7.05 -4.05
CA LEU A 200 -15.12 6.59 -5.42
C LEU A 200 -16.05 7.46 -6.28
N ALA A 201 -17.24 7.73 -5.77
CA ALA A 201 -18.22 8.53 -6.48
C ALA A 201 -17.71 9.96 -6.69
N GLN A 202 -17.09 10.52 -5.66
CA GLN A 202 -16.55 11.88 -5.73
C GLN A 202 -15.43 11.97 -6.77
N VAL A 203 -14.54 10.99 -6.73
CA VAL A 203 -13.43 10.95 -7.66
C VAL A 203 -13.88 10.71 -9.10
N ARG A 204 -14.88 9.84 -9.27
CA ARG A 204 -15.39 9.56 -10.61
C ARG A 204 -15.98 10.80 -11.30
N GLU A 205 -16.57 11.70 -10.52
CA GLU A 205 -17.16 12.90 -11.10
C GLU A 205 -16.16 14.06 -11.16
N ALA A 206 -15.04 13.92 -10.45
CA ALA A 206 -14.02 14.95 -10.43
C ALA A 206 -13.01 14.82 -11.57
N VAL A 207 -12.73 13.59 -11.99
CA VAL A 207 -11.78 13.34 -13.08
C VAL A 207 -12.36 12.46 -14.18
N ASP A 208 -11.69 12.43 -15.33
CA ASP A 208 -12.16 11.61 -16.45
C ASP A 208 -11.30 10.37 -16.69
N ILE A 209 -10.20 10.23 -15.96
CA ILE A 209 -9.34 9.07 -16.12
C ILE A 209 -9.86 7.88 -15.33
N PRO A 210 -9.42 6.66 -15.68
CA PRO A 210 -9.86 5.44 -14.98
C PRO A 210 -9.54 5.49 -13.49
N VAL A 211 -10.42 4.86 -12.69
CA VAL A 211 -10.22 4.85 -11.25
C VAL A 211 -10.08 3.42 -10.72
N VAL A 212 -9.05 3.20 -9.89
CA VAL A 212 -8.85 1.90 -9.26
C VAL A 212 -9.26 2.11 -7.80
N ALA A 213 -10.26 1.34 -7.35
CA ALA A 213 -10.77 1.46 -5.99
C ALA A 213 -9.99 0.63 -4.98
N ALA A 214 -9.65 1.23 -3.84
CA ALA A 214 -8.89 0.54 -2.80
C ALA A 214 -9.39 0.81 -1.39
N GLY A 215 -9.50 -0.25 -0.59
CA GLY A 215 -9.95 -0.08 0.78
C GLY A 215 -11.01 -1.06 1.25
N GLY A 216 -10.60 -2.03 2.07
CA GLY A 216 -11.52 -3.01 2.62
C GLY A 216 -12.14 -4.02 1.69
N ILE A 217 -11.61 -4.19 0.49
CA ILE A 217 -12.18 -5.15 -0.45
C ILE A 217 -11.66 -6.57 -0.19
N MET A 218 -12.55 -7.44 0.27
CA MET A 218 -12.17 -8.82 0.61
C MET A 218 -12.95 -9.89 -0.14
N ARG A 219 -14.08 -9.49 -0.73
CA ARG A 219 -14.93 -10.43 -1.45
C ARG A 219 -15.20 -9.98 -2.88
N GLY A 220 -15.53 -10.94 -3.74
CA GLY A 220 -15.83 -10.62 -5.13
C GLY A 220 -17.04 -9.72 -5.26
N GLY A 221 -17.95 -9.81 -4.30
CA GLY A 221 -19.13 -8.99 -4.32
C GLY A 221 -18.78 -7.53 -4.12
N GLN A 222 -17.72 -7.26 -3.37
CA GLN A 222 -17.28 -5.88 -3.13
C GLN A 222 -16.58 -5.36 -4.38
N ILE A 223 -15.98 -6.27 -5.14
CA ILE A 223 -15.32 -5.86 -6.37
C ILE A 223 -16.41 -5.42 -7.36
N ALA A 224 -17.52 -6.16 -7.35
CA ALA A 224 -18.65 -5.83 -8.23
C ALA A 224 -19.25 -4.50 -7.78
N ALA A 225 -19.22 -4.26 -6.48
CA ALA A 225 -19.75 -3.03 -5.92
C ALA A 225 -18.99 -1.81 -6.44
N VAL A 226 -17.67 -1.82 -6.33
CA VAL A 226 -16.89 -0.67 -6.78
C VAL A 226 -16.98 -0.48 -8.29
N LEU A 227 -17.07 -1.57 -9.04
CA LEU A 227 -17.18 -1.47 -10.50
C LEU A 227 -18.50 -0.78 -10.84
N ALA A 228 -19.55 -1.13 -10.11
CA ALA A 228 -20.87 -0.55 -10.32
C ALA A 228 -20.86 0.93 -10.00
N ALA A 229 -19.98 1.35 -9.08
CA ALA A 229 -19.89 2.74 -8.68
C ALA A 229 -18.92 3.57 -9.52
N GLY A 230 -18.40 3.00 -10.60
CA GLY A 230 -17.51 3.76 -11.46
C GLY A 230 -16.05 3.34 -11.54
N ALA A 231 -15.63 2.38 -10.72
CA ALA A 231 -14.23 1.95 -10.76
C ALA A 231 -13.98 1.00 -11.93
N ASP A 232 -12.76 1.01 -12.43
CA ASP A 232 -12.35 0.13 -13.53
C ASP A 232 -11.73 -1.15 -12.95
N ALA A 233 -11.24 -1.06 -11.73
CA ALA A 233 -10.64 -2.22 -11.09
C ALA A 233 -10.60 -2.04 -9.59
N ALA A 234 -10.30 -3.12 -8.89
CA ALA A 234 -10.22 -3.12 -7.43
C ALA A 234 -8.81 -3.51 -7.04
N GLN A 235 -8.23 -2.75 -6.11
CA GLN A 235 -6.89 -3.04 -5.62
C GLN A 235 -7.05 -3.57 -4.19
N LEU A 236 -6.51 -4.76 -3.96
CA LEU A 236 -6.61 -5.44 -2.67
C LEU A 236 -5.26 -5.67 -2.04
N GLY A 237 -5.14 -5.26 -0.78
CA GLY A 237 -3.90 -5.45 -0.05
C GLY A 237 -4.08 -6.55 0.99
N THR A 238 -4.79 -6.24 2.05
CA THR A 238 -5.03 -7.18 3.15
C THR A 238 -5.48 -8.59 2.70
N ALA A 239 -6.31 -8.68 1.67
CA ALA A 239 -6.77 -9.98 1.20
C ALA A 239 -5.60 -10.85 0.73
N PHE A 240 -4.58 -10.23 0.12
CA PHE A 240 -3.41 -10.98 -0.35
C PHE A 240 -2.33 -11.08 0.72
N LEU A 241 -2.44 -10.26 1.76
CA LEU A 241 -1.47 -10.24 2.85
C LEU A 241 -1.37 -11.59 3.56
N ALA A 242 -2.49 -12.28 3.66
CA ALA A 242 -2.52 -13.57 4.35
C ALA A 242 -2.39 -14.79 3.43
N THR A 243 -2.14 -14.58 2.14
CA THR A 243 -1.99 -15.72 1.23
C THR A 243 -0.64 -16.37 1.49
N ASP A 244 -0.45 -17.60 1.03
CA ASP A 244 0.82 -18.27 1.26
C ASP A 244 2.04 -17.59 0.64
N GLU A 245 1.90 -17.02 -0.55
CA GLU A 245 3.02 -16.35 -1.20
C GLU A 245 3.44 -15.06 -0.52
N SER A 246 2.56 -14.52 0.33
CA SER A 246 2.85 -13.29 1.04
C SER A 246 4.05 -13.47 1.96
N GLY A 247 4.93 -12.47 1.98
CA GLY A 247 6.11 -12.55 2.83
C GLY A 247 5.91 -11.94 4.20
N ALA A 248 4.68 -11.57 4.53
CA ALA A 248 4.40 -10.98 5.84
C ALA A 248 4.72 -11.99 6.94
N PRO A 249 5.28 -11.53 8.06
CA PRO A 249 5.63 -12.39 9.18
C PRO A 249 4.44 -13.22 9.66
N GLY A 250 4.72 -14.40 10.21
CA GLY A 250 3.68 -15.26 10.72
C GLY A 250 2.80 -14.58 11.75
N PRO A 251 3.38 -13.79 12.69
CA PRO A 251 2.59 -13.10 13.70
C PRO A 251 1.61 -12.10 13.09
N HIS A 252 2.02 -11.49 11.98
CA HIS A 252 1.18 -10.51 11.31
C HIS A 252 0.00 -11.21 10.63
N LYS A 253 0.28 -12.28 9.90
CA LYS A 253 -0.78 -13.03 9.23
C LYS A 253 -1.79 -13.58 10.23
N ARG A 254 -1.30 -14.13 11.33
CA ARG A 254 -2.17 -14.70 12.36
C ARG A 254 -3.06 -13.66 13.04
N ALA A 255 -2.51 -12.46 13.25
CA ALA A 255 -3.26 -11.39 13.90
C ALA A 255 -4.51 -10.97 13.15
N LEU A 256 -4.49 -11.08 11.83
CA LEU A 256 -5.62 -10.68 10.98
C LEU A 256 -6.96 -11.33 11.32
N THR A 257 -6.93 -12.57 11.80
CA THR A 257 -8.16 -13.27 12.13
C THR A 257 -8.26 -13.59 13.61
N ASP A 258 -7.35 -13.04 14.39
CA ASP A 258 -7.31 -13.27 15.84
C ASP A 258 -8.34 -12.39 16.56
N PRO A 259 -9.31 -13.02 17.25
CA PRO A 259 -10.35 -12.30 17.99
C PRO A 259 -9.79 -11.25 18.94
N LEU A 260 -8.57 -11.47 19.43
CA LEU A 260 -7.92 -10.54 20.34
C LEU A 260 -7.65 -9.19 19.68
N PHE A 261 -7.40 -9.22 18.38
CA PHE A 261 -7.15 -8.00 17.62
C PHE A 261 -8.44 -7.77 16.84
N ALA A 262 -9.49 -7.39 17.55
CA ALA A 262 -10.78 -7.17 16.93
C ALA A 262 -11.00 -5.77 16.35
N ARG A 263 -10.00 -4.90 16.40
CA ARG A 263 -10.18 -3.55 15.87
C ARG A 263 -8.94 -2.93 15.24
N THR A 264 -9.17 -2.09 14.23
CA THR A 264 -8.08 -1.39 13.56
C THR A 264 -8.32 0.10 13.66
N ARG A 265 -7.28 0.88 13.44
CA ARG A 265 -7.41 2.33 13.45
C ARG A 265 -6.21 2.99 12.81
N LEU A 266 -6.41 4.21 12.33
CA LEU A 266 -5.34 4.97 11.70
C LEU A 266 -4.45 5.51 12.82
N THR A 267 -3.14 5.40 12.62
CA THR A 267 -2.19 5.88 13.61
C THR A 267 -0.88 6.32 12.95
N ARG A 268 -0.14 7.19 13.65
CA ARG A 268 1.15 7.67 13.16
C ARG A 268 2.24 7.03 14.01
N ALA A 269 1.84 6.18 14.94
CA ALA A 269 2.76 5.51 15.85
C ALA A 269 3.99 4.88 15.22
N PHE A 270 3.79 4.15 14.15
CA PHE A 270 4.89 3.44 13.48
C PHE A 270 5.69 4.18 12.42
N THR A 271 5.02 5.00 11.62
CA THR A 271 5.70 5.69 10.53
C THR A 271 5.70 7.23 10.59
N GLY A 272 4.79 7.81 11.38
CA GLY A 272 4.73 9.25 11.48
C GLY A 272 3.76 9.81 10.46
N ARG A 273 2.93 8.95 9.90
CA ARG A 273 1.93 9.33 8.90
C ARG A 273 0.77 8.39 9.16
N PRO A 274 -0.47 8.84 8.97
CA PRO A 274 -1.62 7.96 9.22
C PRO A 274 -1.59 6.67 8.41
N ALA A 275 -1.68 5.54 9.10
CA ALA A 275 -1.67 4.22 8.49
C ALA A 275 -2.53 3.30 9.37
N ARG A 276 -3.40 2.51 8.74
CA ARG A 276 -4.29 1.63 9.50
C ARG A 276 -3.65 0.31 9.93
N SER A 277 -3.71 0.07 11.23
CA SER A 277 -3.12 -1.13 11.82
C SER A 277 -4.06 -1.71 12.87
N LEU A 278 -3.91 -3.00 13.17
CA LEU A 278 -4.72 -3.63 14.21
C LEU A 278 -4.26 -2.95 15.50
N VAL A 279 -5.18 -2.68 16.41
CA VAL A 279 -4.81 -2.03 17.67
C VAL A 279 -4.04 -3.02 18.54
N ASN A 280 -2.84 -2.64 18.95
CA ASN A 280 -2.03 -3.51 19.80
C ASN A 280 -1.37 -2.67 20.88
N ARG A 281 -0.47 -3.27 21.65
CA ARG A 281 0.19 -2.55 22.72
C ARG A 281 0.91 -1.27 22.25
N PHE A 282 1.73 -1.40 21.23
CA PHE A 282 2.49 -0.27 20.71
C PHE A 282 1.57 0.87 20.26
N LEU A 283 0.49 0.53 19.57
CA LEU A 283 -0.43 1.54 19.09
C LEU A 283 -1.12 2.22 20.27
N ARG A 284 -1.60 1.44 21.21
CA ARG A 284 -2.28 1.98 22.39
C ARG A 284 -1.40 2.93 23.20
N GLU A 285 -0.15 2.54 23.40
CA GLU A 285 0.77 3.35 24.19
C GLU A 285 1.37 4.57 23.49
N HIS A 286 1.67 4.44 22.21
CA HIS A 286 2.30 5.53 21.48
C HIS A 286 1.44 6.22 20.43
N GLY A 287 0.36 5.58 20.02
CA GLY A 287 -0.52 6.16 19.02
C GLY A 287 -0.99 7.57 19.32
N PRO A 288 -1.47 7.85 20.55
CA PRO A 288 -1.95 9.18 20.92
C PRO A 288 -0.91 10.30 20.86
N TYR A 289 0.37 9.95 20.84
CA TYR A 289 1.44 10.94 20.85
C TYR A 289 2.32 11.01 19.61
N ALA A 290 2.12 10.11 18.66
CA ALA A 290 2.93 10.10 17.44
C ALA A 290 2.79 11.39 16.64
N PRO A 291 3.91 12.06 16.35
CA PRO A 291 3.91 13.30 15.60
C PRO A 291 3.90 13.07 14.09
N ALA A 292 3.46 14.08 13.34
CA ALA A 292 3.43 13.99 11.89
C ALA A 292 4.84 14.27 11.39
N ALA A 293 5.63 13.21 11.18
CA ALA A 293 7.00 13.33 10.70
C ALA A 293 7.41 12.06 9.97
N TYR A 294 7.20 12.05 8.66
CA TYR A 294 7.51 10.91 7.81
C TYR A 294 8.59 11.26 6.78
N PRO A 295 9.53 10.35 6.51
CA PRO A 295 9.67 9.02 7.10
C PRO A 295 10.47 9.00 8.40
N ASP A 296 10.64 10.16 9.02
CA ASP A 296 11.41 10.28 10.25
C ASP A 296 11.03 9.23 11.31
N VAL A 297 9.74 9.13 11.61
CA VAL A 297 9.28 8.17 12.60
C VAL A 297 9.50 6.74 12.15
N HIS A 298 9.31 6.49 10.86
CA HIS A 298 9.53 5.15 10.32
C HIS A 298 10.97 4.71 10.56
N HIS A 299 11.93 5.63 10.36
CA HIS A 299 13.33 5.32 10.57
C HIS A 299 13.54 5.00 12.05
N LEU A 300 12.88 5.80 12.89
CA LEU A 300 12.98 5.67 14.33
C LEU A 300 12.51 4.32 14.88
N THR A 301 11.37 3.84 14.41
CA THR A 301 10.79 2.59 14.91
C THR A 301 11.16 1.29 14.18
N SER A 302 11.85 1.39 13.04
CA SER A 302 12.21 0.17 12.30
C SER A 302 12.96 -0.85 13.14
N PRO A 303 13.99 -0.41 13.89
CA PRO A 303 14.73 -1.38 14.71
C PRO A 303 13.77 -2.05 15.70
N LEU A 304 12.88 -1.26 16.28
CA LEU A 304 11.91 -1.77 17.24
C LEU A 304 11.03 -2.83 16.60
N ARG A 305 10.50 -2.52 15.42
CA ARG A 305 9.63 -3.46 14.72
C ARG A 305 10.35 -4.75 14.35
N LYS A 306 11.58 -4.63 13.87
CA LYS A 306 12.35 -5.81 13.49
C LYS A 306 12.64 -6.69 14.70
N ALA A 307 12.92 -6.05 15.83
CA ALA A 307 13.20 -6.77 17.05
C ALA A 307 11.93 -7.52 17.49
N ALA A 308 10.79 -6.85 17.40
CA ALA A 308 9.52 -7.45 17.79
C ALA A 308 9.19 -8.63 16.88
N ALA A 309 9.37 -8.45 15.58
CA ALA A 309 9.09 -9.51 14.61
C ALA A 309 10.00 -10.71 14.87
N LYS A 310 11.28 -10.44 15.13
CA LYS A 310 12.24 -11.50 15.40
C LYS A 310 11.77 -12.35 16.60
N ALA A 311 11.19 -11.69 17.60
CA ALA A 311 10.70 -12.38 18.79
C ALA A 311 9.30 -12.94 18.63
N GLY A 312 8.62 -12.61 17.54
CA GLY A 312 7.28 -13.10 17.32
C GLY A 312 6.24 -12.36 18.16
N ASP A 313 6.62 -11.18 18.65
CA ASP A 313 5.75 -10.37 19.48
C ASP A 313 4.90 -9.42 18.62
N ALA A 314 3.68 -9.86 18.29
CA ALA A 314 2.78 -9.07 17.47
C ALA A 314 2.41 -7.72 18.09
N GLN A 315 2.54 -7.61 19.41
CA GLN A 315 2.20 -6.37 20.11
C GLN A 315 3.16 -5.22 19.84
N GLY A 316 4.32 -5.52 19.25
CA GLY A 316 5.28 -4.48 18.95
C GLY A 316 5.49 -4.29 17.46
N MET A 317 4.59 -4.88 16.68
CA MET A 317 4.69 -4.80 15.23
C MET A 317 3.66 -3.87 14.61
N ALA A 318 3.94 -3.43 13.39
CA ALA A 318 3.02 -2.58 12.64
C ALA A 318 2.08 -3.56 11.95
N LEU A 319 0.99 -3.91 12.62
CA LEU A 319 0.04 -4.86 12.07
C LEU A 319 -0.90 -4.25 11.02
N TRP A 320 -0.34 -3.79 9.91
CA TRP A 320 -1.14 -3.18 8.84
C TRP A 320 -2.31 -4.08 8.45
N ALA A 321 -3.50 -3.49 8.36
CA ALA A 321 -4.71 -4.24 8.00
C ALA A 321 -5.91 -3.34 7.74
N GLY A 322 -6.65 -3.64 6.67
CA GLY A 322 -7.83 -2.87 6.35
C GLY A 322 -8.96 -3.33 7.23
N GLN A 323 -10.11 -2.64 7.18
CA GLN A 323 -11.24 -3.00 8.03
C GLN A 323 -11.87 -4.35 7.70
N GLY A 324 -11.48 -4.97 6.59
CA GLY A 324 -12.05 -6.26 6.26
C GLY A 324 -11.16 -7.43 6.66
N HIS A 325 -10.09 -7.13 7.40
CA HIS A 325 -9.12 -8.16 7.80
C HIS A 325 -9.68 -9.48 8.33
N ARG A 326 -10.80 -9.43 9.05
CA ARG A 326 -11.41 -10.65 9.59
C ARG A 326 -11.82 -11.63 8.51
N MET A 327 -12.02 -11.14 7.29
CA MET A 327 -12.40 -12.00 6.17
C MET A 327 -11.21 -12.50 5.36
N ALA A 328 -10.00 -12.30 5.88
CA ALA A 328 -8.78 -12.74 5.21
C ALA A 328 -8.73 -14.26 5.11
N ARG A 329 -8.35 -14.77 3.94
CA ARG A 329 -8.27 -16.20 3.72
C ARG A 329 -6.83 -16.67 3.45
N GLU A 330 -6.41 -17.71 4.16
CA GLU A 330 -5.05 -18.24 4.01
C GLU A 330 -4.99 -19.38 3.00
N LEU A 331 -4.60 -19.04 1.77
CA LEU A 331 -4.48 -20.02 0.70
C LEU A 331 -3.59 -19.42 -0.39
N PRO A 332 -3.21 -20.21 -1.40
CA PRO A 332 -2.34 -19.66 -2.45
C PRO A 332 -3.01 -18.44 -3.07
N ALA A 333 -2.22 -17.42 -3.40
CA ALA A 333 -2.76 -16.21 -4.00
C ALA A 333 -3.51 -16.55 -5.28
N GLY A 334 -2.97 -17.50 -6.03
CA GLY A 334 -3.61 -17.91 -7.28
C GLY A 334 -5.02 -18.41 -7.04
N ARG A 335 -5.23 -19.18 -5.99
CA ARG A 335 -6.56 -19.71 -5.69
C ARG A 335 -7.46 -18.58 -5.18
N LEU A 336 -6.89 -17.62 -4.47
CA LEU A 336 -7.67 -16.48 -3.97
C LEU A 336 -8.25 -15.71 -5.14
N VAL A 337 -7.46 -15.53 -6.20
CA VAL A 337 -7.95 -14.81 -7.37
C VAL A 337 -9.13 -15.56 -7.97
N GLU A 338 -9.00 -16.89 -8.07
CA GLU A 338 -10.07 -17.73 -8.63
C GLU A 338 -11.35 -17.57 -7.82
N VAL A 339 -11.22 -17.63 -6.50
CA VAL A 339 -12.36 -17.47 -5.61
C VAL A 339 -12.96 -16.09 -5.80
N LEU A 340 -12.12 -15.06 -5.83
CA LEU A 340 -12.58 -13.69 -6.01
C LEU A 340 -13.30 -13.53 -7.35
N ALA A 341 -12.75 -14.13 -8.40
CA ALA A 341 -13.35 -14.05 -9.74
C ALA A 341 -14.74 -14.69 -9.74
N ALA A 342 -14.86 -15.83 -9.06
CA ALA A 342 -16.13 -16.54 -8.99
C ALA A 342 -17.17 -15.70 -8.25
N GLU A 343 -16.76 -15.14 -7.12
CA GLU A 343 -17.65 -14.29 -6.32
C GLU A 343 -18.10 -13.09 -7.14
N LEU A 344 -17.17 -12.56 -7.93
CA LEU A 344 -17.46 -11.42 -8.79
C LEU A 344 -18.55 -11.80 -9.80
N ALA A 345 -18.34 -12.89 -10.53
CA ALA A 345 -19.30 -13.35 -11.52
C ALA A 345 -20.65 -13.58 -10.87
N GLU A 346 -20.64 -14.25 -9.72
CA GLU A 346 -21.87 -14.53 -9.00
C GLU A 346 -22.63 -13.24 -8.65
N ALA A 347 -21.90 -12.19 -8.29
CA ALA A 347 -22.51 -10.92 -7.93
C ALA A 347 -23.05 -10.18 -9.15
N ARG A 348 -22.34 -10.27 -10.28
CA ARG A 348 -22.80 -9.61 -11.51
C ARG A 348 -24.14 -10.23 -11.90
N THR A 349 -24.19 -11.55 -11.94
CA THR A 349 -25.39 -12.28 -12.30
C THR A 349 -26.56 -11.82 -11.46
N ALA A 350 -26.40 -11.82 -10.14
CA ALA A 350 -27.45 -11.40 -9.22
C ALA A 350 -27.91 -9.98 -9.50
N LEU A 351 -26.95 -9.08 -9.70
CA LEU A 351 -27.24 -7.67 -9.96
C LEU A 351 -27.87 -7.49 -11.34
N1 FMN B . 0.46 1.06 -0.74
C2 FMN B . 1.52 1.60 -1.47
O2 FMN B . 1.29 2.36 -2.40
N3 FMN B . 2.83 1.27 -1.16
C4 FMN B . 3.15 0.40 -0.12
O4 FMN B . 4.34 0.13 0.12
C4A FMN B . 2.08 -0.16 0.63
N5 FMN B . 2.33 -1.06 1.67
C5A FMN B . 1.28 -1.65 2.38
C6 FMN B . 1.56 -2.58 3.41
C7 FMN B . 0.52 -3.22 4.18
C7M FMN B . 0.87 -4.66 4.60
C8 FMN B . -0.82 -2.87 3.80
C8M FMN B . -2.00 -3.83 3.93
C9 FMN B . -1.13 -1.91 2.78
C9A FMN B . -0.07 -1.30 2.07
N10 FMN B . -0.33 -0.36 1.03
C10 FMN B . 0.73 0.20 0.30
C1' FMN B . -1.74 0.19 0.81
C2' FMN B . -2.38 -0.56 -0.38
O2' FMN B . -1.95 0.03 -1.60
C3' FMN B . -3.95 -0.46 -0.37
O3' FMN B . -4.26 0.93 -0.42
C4' FMN B . -4.63 -1.08 0.87
O4' FMN B . -4.00 -2.34 1.15
C5' FMN B . -6.15 -1.30 0.60
O5' FMN B . -6.83 -1.88 1.75
P FMN B . -7.07 -3.48 2.07
O1P FMN B . -7.21 -3.69 0.59
O2P FMN B . -8.14 -2.86 2.94
O3P FMN B . -5.64 -3.46 2.60
N3 NIE C . 6.75 -1.15 6.37
C1 NIE C . 9.17 -1.53 6.02
C2 NIE C . 7.90 -1.96 6.77
O4 NIE C . 5.84 -1.66 5.73
O5 NIE C . 6.67 0.03 6.67
C1 MPD D . -16.35 16.76 2.77
C2 MPD D . -16.51 15.24 2.87
O2 MPD D . -17.57 14.93 3.78
CM MPD D . -16.79 14.71 1.49
C3 MPD D . -15.19 14.61 3.32
C4 MPD D . -14.78 14.99 4.73
O4 MPD D . -15.71 14.46 5.66
C5 MPD D . -13.46 14.37 5.02
C1 MPD E . 6.54 -0.99 28.29
C2 MPD E . 7.65 -2.06 28.16
O2 MPD E . 8.20 -1.99 26.84
CM MPD E . 8.73 -1.79 29.20
C3 MPD E . 7.04 -3.45 28.44
C4 MPD E . 5.96 -3.80 27.43
O4 MPD E . 6.53 -3.85 26.11
C5 MPD E . 5.37 -5.15 27.74
#